data_5A2F
#
_entry.id   5A2F
#
_cell.length_a   72.320
_cell.length_b   72.320
_cell.length_c   105.040
_cell.angle_alpha   90.00
_cell.angle_beta   90.00
_cell.angle_gamma   90.00
#
_symmetry.space_group_name_H-M   'P 43 21 2'
#
loop_
_entity.id
_entity.type
_entity.pdbx_description
1 polymer 'CD166 ANTIGEN'
2 non-polymer 2-acetamido-2-deoxy-beta-D-glucopyranose
3 non-polymer 1,2-ETHANEDIOL
4 water water
#
_entity_poly.entity_id   1
_entity_poly.type   'polypeptide(L)'
_entity_poly.pdbx_seq_one_letter_code
;MESKGASSCRLLFCLLISATVFRPGLGWYTVNSAYGDTIIIPCRLDVPQNLMFGKWKYEKPDGSPVFIAFRSSTKKSVQY
DDVPEYKDRLNLSENYTLSISNARISDEKRFVCMLVTEDNVFEAPTIVKVFKQPSKPEIVSKALFLETEQLKKLGDCISE
DSYPDGNITWYRNGKVLHPLEGAVVIIFKKEMDPVTQLYTMTSTLEYKTTKADIQMPFTCSVTYYGPSGQKTIHSEQAVF
DIYYPTEQVTIQVLPPKNAIKEGDNITLKCLGNGNPPPEEFLFYLPGQPEGIRSSNTYTLTDVRRNATGDYKCSLIDKKS
MIASTAITVHYLDLSLNPSGEVTRQIGDALPVSCTISASRNATVVWMKDNIRLRSSPSFSSLHYQDAGNYVCETALQEVE
GLKKRESLTLIVEGKPQIKMTKKTDPSGLSKTIICHVEGFPKPAIQWTITGSGSVINQTEESPYINGRYYSKIIISPEEN
VTLTCTAENQLERTVNSLNVSAISIPEHDEADEISDENREKVNDQAKLIVGIVVGLLLAALVAGVVYWLYMKKSKTASKH
VNKDLGNMEENKKLEENNHKTEA
;
_entity_poly.pdbx_strand_id   A
#
loop_
_chem_comp.id
_chem_comp.type
_chem_comp.name
_chem_comp.formula
EDO non-polymer 1,2-ETHANEDIOL 'C2 H6 O2'
NAG D-saccharide, beta linking 2-acetamido-2-deoxy-beta-D-glucopyranose 'C8 H15 N O6'
#
# COMPACT_ATOMS: atom_id res chain seq x y z
N TRP A 28 6.77 8.66 -18.25
CA TRP A 28 6.09 8.24 -17.03
C TRP A 28 7.10 8.05 -15.88
N TYR A 29 7.60 9.16 -15.32
CA TYR A 29 8.53 9.10 -14.18
C TYR A 29 7.71 8.90 -12.91
N THR A 30 8.20 8.03 -12.00
CA THR A 30 7.50 7.70 -10.75
C THR A 30 8.34 7.94 -9.50
N VAL A 31 7.68 8.38 -8.41
CA VAL A 31 8.28 8.61 -7.10
C VAL A 31 7.59 7.63 -6.13
N ASN A 32 8.34 6.68 -5.56
CA ASN A 32 7.80 5.70 -4.62
C ASN A 32 8.05 6.19 -3.20
N SER A 33 6.99 6.25 -2.38
CA SER A 33 7.08 6.74 -1.00
C SER A 33 6.43 5.76 -0.03
N ALA A 34 7.00 5.65 1.17
CA ALA A 34 6.43 4.80 2.21
C ALA A 34 5.37 5.62 2.94
N TYR A 35 4.29 4.97 3.37
CA TYR A 35 3.19 5.59 4.13
C TYR A 35 3.75 6.28 5.38
N GLY A 36 3.40 7.54 5.58
CA GLY A 36 3.87 8.35 6.71
C GLY A 36 5.15 9.13 6.48
N ASP A 37 5.90 8.87 5.38
CA ASP A 37 7.14 9.60 5.10
C ASP A 37 6.85 10.87 4.31
N THR A 38 7.88 11.72 4.16
CA THR A 38 7.76 12.93 3.36
C THR A 38 8.00 12.53 1.90
N ILE A 39 7.09 12.94 1.00
CA ILE A 39 7.18 12.66 -0.43
C ILE A 39 7.98 13.82 -1.01
N ILE A 40 9.11 13.55 -1.65
CA ILE A 40 9.94 14.60 -2.26
C ILE A 40 9.69 14.52 -3.76
N ILE A 41 9.12 15.58 -4.36
CA ILE A 41 8.78 15.60 -5.78
C ILE A 41 9.56 16.71 -6.53
N PRO A 42 10.72 16.41 -7.16
CA PRO A 42 11.41 17.44 -7.95
C PRO A 42 10.58 17.86 -9.17
N CYS A 43 10.77 19.11 -9.63
CA CYS A 43 10.03 19.68 -10.76
C CYS A 43 10.26 18.93 -12.11
N ARG A 44 11.47 18.43 -12.37
CA ARG A 44 11.85 17.74 -13.62
C ARG A 44 11.81 18.65 -14.86
N LEU A 45 12.19 19.92 -14.69
CA LEU A 45 12.27 20.90 -15.77
C LEU A 45 13.53 21.72 -15.59
N ASP A 46 14.18 22.10 -16.69
CA ASP A 46 15.37 22.96 -16.65
C ASP A 46 14.86 24.36 -16.32
N VAL A 47 15.59 25.12 -15.50
CA VAL A 47 15.16 26.48 -15.14
C VAL A 47 15.22 27.37 -16.40
N PRO A 48 14.08 27.92 -16.87
CA PRO A 48 14.13 28.74 -18.08
C PRO A 48 14.59 30.17 -17.82
N GLN A 49 15.13 30.84 -18.85
CA GLN A 49 15.51 32.25 -18.76
C GLN A 49 14.18 33.03 -18.81
N ASN A 50 14.09 34.14 -18.07
CA ASN A 50 12.88 34.96 -17.97
C ASN A 50 11.75 34.24 -17.21
N LEU A 51 12.08 33.48 -16.15
CA LEU A 51 11.08 32.78 -15.34
C LEU A 51 10.33 33.80 -14.48
N MET A 52 8.98 33.72 -14.46
CA MET A 52 8.11 34.61 -13.68
C MET A 52 7.67 33.91 -12.40
N PHE A 53 7.11 32.70 -12.54
CA PHE A 53 6.64 31.92 -11.38
C PHE A 53 6.48 30.45 -11.73
N GLY A 54 6.25 29.64 -10.71
CA GLY A 54 6.02 28.20 -10.85
C GLY A 54 4.81 27.78 -10.03
N LYS A 55 4.07 26.78 -10.52
CA LYS A 55 2.89 26.26 -9.83
C LYS A 55 2.84 24.75 -9.90
N TRP A 56 2.34 24.11 -8.82
CA TRP A 56 2.14 22.66 -8.76
C TRP A 56 0.65 22.39 -8.73
N LYS A 57 0.23 21.33 -9.41
CA LYS A 57 -1.16 20.89 -9.42
C LYS A 57 -1.19 19.38 -9.39
N TYR A 58 -2.34 18.82 -9.01
CA TYR A 58 -2.58 17.38 -9.10
C TYR A 58 -3.79 17.19 -9.99
N GLU A 59 -3.91 16.00 -10.57
CA GLU A 59 -5.01 15.66 -11.47
C GLU A 59 -5.98 14.72 -10.77
N LYS A 60 -7.29 15.00 -10.91
CA LYS A 60 -8.34 14.12 -10.36
C LYS A 60 -8.38 12.81 -11.22
N PRO A 61 -9.08 11.72 -10.77
CA PRO A 61 -9.12 10.48 -11.56
C PRO A 61 -9.42 10.62 -13.07
N ASP A 62 -10.20 11.65 -13.47
CA ASP A 62 -10.55 11.88 -14.87
C ASP A 62 -9.72 13.01 -15.54
N GLY A 63 -8.68 13.51 -14.84
CA GLY A 63 -7.75 14.51 -15.36
C GLY A 63 -8.04 15.99 -15.06
N SER A 64 -9.07 16.32 -14.24
CA SER A 64 -9.39 17.71 -13.91
C SER A 64 -8.30 18.29 -12.95
N PRO A 65 -7.77 19.51 -13.21
CA PRO A 65 -6.69 20.05 -12.39
C PRO A 65 -7.10 20.73 -11.09
N VAL A 66 -6.23 20.62 -10.06
CA VAL A 66 -6.40 21.26 -8.75
C VAL A 66 -5.04 21.85 -8.37
N PHE A 67 -4.91 23.18 -8.37
CA PHE A 67 -3.66 23.86 -8.01
C PHE A 67 -3.44 23.80 -6.51
N ILE A 68 -2.20 23.48 -6.06
CA ILE A 68 -1.88 23.34 -4.63
C ILE A 68 -0.72 24.23 -4.13
N ALA A 69 0.20 24.68 -5.00
CA ALA A 69 1.31 25.54 -4.55
C ALA A 69 1.74 26.51 -5.62
N PHE A 70 2.26 27.67 -5.19
CA PHE A 70 2.73 28.74 -6.05
C PHE A 70 4.01 29.33 -5.48
N ARG A 71 4.96 29.69 -6.35
CA ARG A 71 6.20 30.36 -5.94
C ARG A 71 6.58 31.37 -7.02
N SER A 72 6.74 32.65 -6.63
CA SER A 72 7.15 33.71 -7.54
C SER A 72 8.67 33.77 -7.57
N SER A 73 9.28 33.71 -8.77
CA SER A 73 10.73 33.78 -8.93
C SER A 73 11.26 35.19 -8.67
N THR A 74 10.47 36.22 -9.03
CA THR A 74 10.86 37.62 -8.86
C THR A 74 10.65 38.12 -7.43
N LYS A 75 9.48 37.83 -6.84
CA LYS A 75 9.14 38.29 -5.48
C LYS A 75 9.59 37.34 -4.35
N LYS A 76 9.99 36.09 -4.68
CA LYS A 76 10.42 35.07 -3.70
C LYS A 76 9.29 34.65 -2.72
N SER A 77 8.02 35.00 -3.02
CA SER A 77 6.90 34.67 -2.16
C SER A 77 6.45 33.25 -2.43
N VAL A 78 5.86 32.59 -1.42
CA VAL A 78 5.35 31.23 -1.52
C VAL A 78 3.91 31.26 -1.05
N GLN A 79 2.98 30.72 -1.84
CA GLN A 79 1.55 30.68 -1.50
C GLN A 79 1.01 29.28 -1.76
N TYR A 80 0.16 28.79 -0.85
CA TYR A 80 -0.46 27.48 -0.96
C TYR A 80 -1.96 27.66 -1.09
N ASP A 81 -2.55 27.04 -2.12
CA ASP A 81 -3.98 27.15 -2.38
C ASP A 81 -4.76 26.49 -1.26
N ASP A 82 -5.94 27.02 -0.95
CA ASP A 82 -6.77 26.48 0.11
C ASP A 82 -7.35 25.13 -0.31
N VAL A 83 -6.60 24.06 -0.03
CA VAL A 83 -6.96 22.68 -0.32
C VAL A 83 -6.83 21.93 1.02
N PRO A 84 -7.95 21.80 1.79
CA PRO A 84 -7.88 21.15 3.11
C PRO A 84 -7.10 19.84 3.21
N GLU A 85 -7.15 19.01 2.15
CA GLU A 85 -6.42 17.75 2.05
C GLU A 85 -4.89 17.95 2.26
N TYR A 86 -4.36 19.12 1.85
CA TYR A 86 -2.94 19.45 1.98
C TYR A 86 -2.63 20.57 3.02
N LYS A 87 -3.56 20.85 3.96
CA LYS A 87 -3.39 21.87 5.00
C LYS A 87 -2.19 21.54 5.89
N ASP A 88 -1.23 22.48 6.02
CA ASP A 88 0.01 22.35 6.80
C ASP A 88 0.89 21.14 6.37
N ARG A 89 0.76 20.68 5.11
CA ARG A 89 1.53 19.52 4.62
C ARG A 89 2.49 19.84 3.46
N LEU A 90 2.43 21.03 2.85
CA LEU A 90 3.27 21.35 1.69
C LEU A 90 4.42 22.29 1.99
N ASN A 91 5.50 22.13 1.22
CA ASN A 91 6.68 22.98 1.24
C ASN A 91 7.20 23.05 -0.20
N LEU A 92 7.17 24.24 -0.82
CA LEU A 92 7.66 24.43 -2.19
C LEU A 92 8.97 25.20 -2.09
N SER A 93 10.10 24.50 -2.35
CA SER A 93 11.43 25.08 -2.23
C SER A 93 11.78 26.04 -3.38
N GLU A 94 12.94 26.74 -3.27
CA GLU A 94 13.40 27.70 -4.28
C GLU A 94 13.62 27.10 -5.67
N ASN A 95 14.03 25.82 -5.76
CA ASN A 95 14.20 25.16 -7.06
C ASN A 95 12.94 24.37 -7.49
N TYR A 96 11.77 24.72 -6.93
CA TYR A 96 10.44 24.20 -7.25
C TYR A 96 10.24 22.70 -6.89
N THR A 97 10.97 22.19 -5.88
CA THR A 97 10.77 20.81 -5.40
C THR A 97 9.58 20.88 -4.42
N LEU A 98 8.53 20.06 -4.65
CA LEU A 98 7.38 20.02 -3.76
C LEU A 98 7.55 18.88 -2.79
N SER A 99 7.45 19.16 -1.49
CA SER A 99 7.55 18.16 -0.44
C SER A 99 6.19 18.03 0.24
N ILE A 100 5.65 16.79 0.32
CA ILE A 100 4.36 16.51 0.96
C ILE A 100 4.66 15.69 2.20
N SER A 101 4.32 16.18 3.39
CA SER A 101 4.58 15.45 4.63
C SER A 101 3.48 14.44 4.95
N ASN A 102 3.84 13.38 5.73
CA ASN A 102 2.91 12.35 6.18
CA ASN A 102 2.91 12.34 6.17
C ASN A 102 2.15 11.71 5.00
N ALA A 103 2.87 10.97 4.14
CA ALA A 103 2.32 10.31 2.95
C ALA A 103 1.06 9.47 3.27
N ARG A 104 -0.01 9.72 2.52
CA ARG A 104 -1.34 9.13 2.66
C ARG A 104 -1.69 8.39 1.36
N ILE A 105 -2.67 7.47 1.36
CA ILE A 105 -3.03 6.75 0.12
C ILE A 105 -3.65 7.72 -0.90
N SER A 106 -4.33 8.78 -0.44
CA SER A 106 -4.90 9.79 -1.35
C SER A 106 -3.81 10.59 -2.10
N ASP A 107 -2.53 10.53 -1.67
CA ASP A 107 -1.42 11.18 -2.37
C ASP A 107 -1.00 10.39 -3.63
N GLU A 108 -1.53 9.18 -3.84
CA GLU A 108 -1.22 8.38 -5.03
C GLU A 108 -1.97 9.02 -6.21
N LYS A 109 -1.31 10.02 -6.86
CA LYS A 109 -1.88 10.78 -7.98
C LYS A 109 -0.77 11.20 -8.95
N ARG A 110 -1.16 11.86 -10.06
CA ARG A 110 -0.23 12.44 -11.02
C ARG A 110 -0.10 13.92 -10.61
N PHE A 111 1.12 14.37 -10.32
CA PHE A 111 1.40 15.77 -9.97
C PHE A 111 2.09 16.40 -11.16
N VAL A 112 1.82 17.69 -11.43
CA VAL A 112 2.44 18.39 -12.56
C VAL A 112 3.07 19.68 -12.09
N CYS A 113 4.35 19.91 -12.48
CA CYS A 113 5.07 21.15 -12.18
C CYS A 113 4.91 22.03 -13.40
N MET A 114 4.45 23.27 -13.22
CA MET A 114 4.25 24.22 -14.31
C MET A 114 5.15 25.43 -14.10
N LEU A 115 6.12 25.66 -14.99
CA LEU A 115 7.00 26.84 -14.92
C LEU A 115 6.54 27.82 -15.99
N VAL A 116 6.33 29.08 -15.61
CA VAL A 116 5.79 30.12 -16.48
C VAL A 116 6.77 31.28 -16.71
N THR A 117 7.02 31.61 -17.99
CA THR A 117 7.87 32.72 -18.40
C THR A 117 6.96 33.79 -18.99
N GLU A 118 7.53 34.96 -19.39
CA GLU A 118 6.73 36.06 -19.99
C GLU A 118 5.94 35.64 -21.24
N ASP A 119 6.38 34.61 -22.00
CA ASP A 119 5.67 34.19 -23.22
C ASP A 119 5.61 32.65 -23.41
N ASN A 120 5.75 31.85 -22.35
CA ASN A 120 5.69 30.38 -22.51
C ASN A 120 5.35 29.65 -21.21
N VAL A 121 4.87 28.41 -21.35
CA VAL A 121 4.54 27.53 -20.23
C VAL A 121 5.22 26.19 -20.48
N PHE A 122 5.86 25.64 -19.44
CA PHE A 122 6.56 24.36 -19.49
C PHE A 122 5.93 23.47 -18.42
N GLU A 123 5.56 22.22 -18.76
CA GLU A 123 4.92 21.27 -17.83
C GLU A 123 5.67 19.94 -17.78
N ALA A 124 5.77 19.33 -16.59
CA ALA A 124 6.41 18.02 -16.42
C ALA A 124 5.64 17.21 -15.38
N PRO A 125 5.10 16.03 -15.74
CA PRO A 125 4.35 15.23 -14.76
C PRO A 125 5.23 14.29 -13.94
N THR A 126 4.75 13.91 -12.74
CA THR A 126 5.39 12.93 -11.86
C THR A 126 4.31 12.10 -11.21
N ILE A 127 4.38 10.77 -11.37
CA ILE A 127 3.43 9.84 -10.77
C ILE A 127 3.91 9.55 -9.35
N VAL A 128 3.02 9.63 -8.36
CA VAL A 128 3.37 9.31 -6.97
C VAL A 128 2.69 8.00 -6.62
N LYS A 129 3.43 7.06 -6.03
CA LYS A 129 2.91 5.77 -5.55
C LYS A 129 3.24 5.70 -4.07
N VAL A 130 2.25 5.33 -3.25
CA VAL A 130 2.42 5.22 -1.80
C VAL A 130 2.29 3.76 -1.40
N PHE A 131 3.12 3.32 -0.45
CA PHE A 131 3.15 1.92 0.00
C PHE A 131 3.08 1.82 1.52
N LYS A 132 2.18 0.97 2.03
CA LYS A 132 2.08 0.71 3.47
C LYS A 132 2.29 -0.79 3.66
N GLN A 133 3.30 -1.16 4.46
CA GLN A 133 3.64 -2.56 4.70
C GLN A 133 2.51 -3.31 5.42
N PRO A 134 2.10 -4.50 4.93
CA PRO A 134 1.06 -5.27 5.63
C PRO A 134 1.57 -5.74 7.00
N SER A 135 0.65 -5.91 7.97
CA SER A 135 1.06 -6.38 9.29
C SER A 135 1.51 -7.84 9.21
N LYS A 136 2.38 -8.26 10.14
CA LYS A 136 2.87 -9.65 10.22
C LYS A 136 1.63 -10.53 10.33
N PRO A 137 1.40 -11.50 9.43
CA PRO A 137 0.16 -12.27 9.52
C PRO A 137 0.02 -13.09 10.80
N GLU A 138 -1.22 -13.30 11.24
CA GLU A 138 -1.53 -14.07 12.45
C GLU A 138 -2.65 -15.04 12.17
N ILE A 139 -2.53 -16.29 12.67
CA ILE A 139 -3.58 -17.30 12.53
C ILE A 139 -4.49 -17.10 13.76
N VAL A 140 -5.72 -16.63 13.54
CA VAL A 140 -6.69 -16.36 14.61
C VAL A 140 -7.94 -17.22 14.42
N SER A 141 -8.85 -17.22 15.41
CA SER A 141 -10.08 -18.02 15.41
C SER A 141 -9.73 -19.49 15.12
N LYS A 142 -8.70 -19.99 15.82
CA LYS A 142 -8.18 -21.33 15.62
C LYS A 142 -9.11 -22.41 16.16
N ALA A 143 -9.10 -23.58 15.50
CA ALA A 143 -9.87 -24.74 15.96
C ALA A 143 -9.18 -25.27 17.21
N LEU A 144 -9.96 -25.71 18.21
CA LEU A 144 -9.37 -26.30 19.41
C LEU A 144 -8.79 -27.68 19.07
N PHE A 145 -9.35 -28.34 18.05
CA PHE A 145 -8.86 -29.64 17.56
C PHE A 145 -9.35 -29.89 16.12
N LEU A 146 -8.56 -30.65 15.35
CA LEU A 146 -8.92 -31.04 13.97
C LEU A 146 -9.44 -32.49 14.00
N GLU A 147 -10.39 -32.82 13.10
CA GLU A 147 -11.02 -34.15 13.04
C GLU A 147 -10.69 -34.85 11.72
N THR A 148 -10.27 -36.13 11.79
CA THR A 148 -9.95 -36.91 10.59
C THR A 148 -11.25 -37.26 9.86
N GLU A 149 -11.20 -37.32 8.51
CA GLU A 149 -12.34 -37.59 7.62
C GLU A 149 -13.50 -36.58 7.80
N GLN A 150 -13.17 -35.33 8.21
CA GLN A 150 -14.14 -34.26 8.41
C GLN A 150 -13.47 -32.91 8.13
N LEU A 151 -14.03 -32.09 7.22
CA LEU A 151 -13.49 -30.78 6.87
C LEU A 151 -13.83 -29.79 7.99
N LYS A 152 -12.81 -29.22 8.65
CA LYS A 152 -12.95 -28.28 9.77
C LYS A 152 -12.21 -26.96 9.48
N LYS A 153 -12.75 -25.83 9.98
CA LYS A 153 -12.12 -24.52 9.85
C LYS A 153 -10.86 -24.51 10.73
N LEU A 154 -9.68 -24.58 10.12
CA LEU A 154 -8.40 -24.58 10.85
C LEU A 154 -8.17 -23.24 11.54
N GLY A 155 -8.47 -22.16 10.82
CA GLY A 155 -8.30 -20.80 11.34
C GLY A 155 -8.32 -19.75 10.24
N ASP A 156 -8.25 -18.48 10.64
CA ASP A 156 -8.21 -17.34 9.72
C ASP A 156 -6.84 -16.71 9.75
N CYS A 157 -6.19 -16.53 8.58
CA CYS A 157 -4.90 -15.84 8.50
C CYS A 157 -5.24 -14.40 8.16
N ILE A 158 -4.91 -13.45 9.06
CA ILE A 158 -5.22 -12.04 8.83
C ILE A 158 -3.96 -11.20 8.77
N SER A 159 -3.88 -10.32 7.76
CA SER A 159 -2.81 -9.34 7.57
C SER A 159 -3.51 -8.00 7.36
N GLU A 160 -3.25 -7.02 8.23
CA GLU A 160 -3.96 -5.74 8.27
C GLU A 160 -3.21 -4.50 7.83
N ASP A 161 -4.00 -3.44 7.52
CA ASP A 161 -3.55 -2.08 7.22
C ASP A 161 -2.45 -2.03 6.16
N SER A 162 -2.71 -2.64 4.99
CA SER A 162 -1.78 -2.75 3.87
CA SER A 162 -1.74 -2.71 3.89
C SER A 162 -2.16 -1.89 2.68
N TYR A 163 -1.17 -1.53 1.86
CA TYR A 163 -1.39 -0.83 0.61
C TYR A 163 -0.19 -1.00 -0.32
N PRO A 164 -0.35 -1.59 -1.52
CA PRO A 164 -1.57 -2.21 -2.07
C PRO A 164 -1.95 -3.48 -1.30
N ASP A 165 -2.95 -4.19 -1.80
CA ASP A 165 -3.37 -5.47 -1.21
C ASP A 165 -2.27 -6.54 -1.41
N GLY A 166 -2.30 -7.59 -0.59
CA GLY A 166 -1.34 -8.68 -0.64
C GLY A 166 -1.99 -10.04 -0.87
N ASN A 167 -1.17 -11.04 -1.20
CA ASN A 167 -1.61 -12.41 -1.45
C ASN A 167 -1.25 -13.29 -0.26
N ILE A 168 -2.22 -14.08 0.25
CA ILE A 168 -2.01 -14.97 1.39
C ILE A 168 -1.75 -16.41 0.93
N THR A 169 -0.68 -17.02 1.45
CA THR A 169 -0.30 -18.39 1.17
C THR A 169 -0.34 -19.14 2.49
N TRP A 170 -0.82 -20.40 2.46
CA TRP A 170 -0.85 -21.28 3.62
C TRP A 170 0.24 -22.32 3.45
N TYR A 171 0.78 -22.82 4.57
CA TYR A 171 1.81 -23.86 4.56
C TYR A 171 1.55 -24.91 5.62
N ARG A 172 2.03 -26.13 5.35
CA ARG A 172 1.98 -27.26 6.27
C ARG A 172 3.41 -27.78 6.33
N ASN A 173 4.05 -27.69 7.50
CA ASN A 173 5.45 -28.12 7.70
C ASN A 173 6.41 -27.37 6.74
N GLY A 174 6.21 -26.06 6.60
CA GLY A 174 7.04 -25.23 5.75
C GLY A 174 6.92 -25.46 4.24
N LYS A 175 5.87 -26.15 3.77
CA LYS A 175 5.66 -26.44 2.36
C LYS A 175 4.30 -25.88 1.95
N VAL A 176 4.21 -25.20 0.79
CA VAL A 176 2.96 -24.56 0.32
C VAL A 176 1.80 -25.57 0.31
N LEU A 177 0.65 -25.17 0.88
CA LEU A 177 -0.56 -25.97 0.97
C LEU A 177 -1.55 -25.48 -0.09
N HIS A 178 -1.65 -26.22 -1.22
CA HIS A 178 -2.53 -25.87 -2.34
C HIS A 178 -3.95 -26.36 -2.14
N PRO A 179 -4.95 -25.78 -2.83
CA PRO A 179 -6.33 -26.28 -2.67
C PRO A 179 -6.50 -27.70 -3.24
N LEU A 180 -7.40 -28.47 -2.64
CA LEU A 180 -7.69 -29.85 -3.04
C LEU A 180 -9.14 -30.13 -2.67
N GLU A 181 -9.95 -30.61 -3.64
CA GLU A 181 -11.38 -30.88 -3.44
C GLU A 181 -11.64 -31.82 -2.26
N GLY A 182 -12.48 -31.37 -1.33
CA GLY A 182 -12.84 -32.14 -0.14
C GLY A 182 -11.72 -32.35 0.87
N ALA A 183 -10.66 -31.51 0.83
CA ALA A 183 -9.51 -31.65 1.74
C ALA A 183 -8.90 -30.31 2.16
N VAL A 184 -8.59 -29.43 1.19
CA VAL A 184 -8.03 -28.10 1.43
C VAL A 184 -8.89 -27.10 0.68
N VAL A 185 -9.71 -26.32 1.42
CA VAL A 185 -10.58 -25.30 0.84
C VAL A 185 -10.14 -23.95 1.42
N ILE A 186 -9.71 -23.02 0.56
CA ILE A 186 -9.21 -21.70 0.97
C ILE A 186 -10.19 -20.63 0.49
N ILE A 187 -10.76 -19.83 1.43
CA ILE A 187 -11.72 -18.76 1.12
C ILE A 187 -11.03 -17.44 1.45
N PHE A 188 -10.71 -16.64 0.41
CA PHE A 188 -10.00 -15.37 0.55
C PHE A 188 -10.91 -14.16 0.36
N LYS A 189 -10.62 -13.08 1.11
CA LYS A 189 -11.31 -11.82 0.97
C LYS A 189 -10.38 -10.66 1.31
N LYS A 190 -10.51 -9.53 0.62
CA LYS A 190 -9.76 -8.31 0.88
C LYS A 190 -10.79 -7.22 1.14
N GLU A 191 -10.65 -6.50 2.27
CA GLU A 191 -11.58 -5.44 2.67
C GLU A 191 -10.81 -4.13 2.79
N MET A 192 -11.40 -3.03 2.30
CA MET A 192 -10.78 -1.72 2.35
C MET A 192 -11.46 -0.83 3.37
N ASP A 193 -10.68 -0.10 4.18
CA ASP A 193 -11.22 0.88 5.11
C ASP A 193 -11.55 2.10 4.24
N PRO A 194 -12.80 2.58 4.22
CA PRO A 194 -13.13 3.72 3.33
C PRO A 194 -12.48 5.06 3.68
N VAL A 195 -12.06 5.26 4.94
CA VAL A 195 -11.44 6.51 5.38
C VAL A 195 -9.95 6.55 5.01
N THR A 196 -9.21 5.47 5.29
CA THR A 196 -7.76 5.40 5.01
C THR A 196 -7.41 4.76 3.67
N GLN A 197 -8.34 3.98 3.07
CA GLN A 197 -8.13 3.24 1.82
C GLN A 197 -7.11 2.09 2.00
N LEU A 198 -6.84 1.66 3.25
CA LEU A 198 -5.92 0.56 3.54
C LEU A 198 -6.67 -0.76 3.51
N TYR A 199 -5.98 -1.82 3.05
CA TYR A 199 -6.56 -3.15 2.92
C TYR A 199 -6.29 -4.04 4.12
N THR A 200 -7.23 -4.96 4.39
CA THR A 200 -7.09 -6.02 5.38
C THR A 200 -7.44 -7.30 4.64
N MET A 201 -6.50 -8.27 4.61
CA MET A 201 -6.68 -9.54 3.92
C MET A 201 -7.01 -10.61 4.93
N THR A 202 -8.03 -11.43 4.64
CA THR A 202 -8.44 -12.55 5.50
C THR A 202 -8.54 -13.80 4.64
N SER A 203 -7.83 -14.87 5.02
CA SER A 203 -7.86 -16.14 4.32
C SER A 203 -8.32 -17.20 5.29
N THR A 204 -9.47 -17.83 5.04
CA THR A 204 -10.00 -18.89 5.91
C THR A 204 -9.59 -20.24 5.33
N LEU A 205 -8.95 -21.08 6.14
CA LEU A 205 -8.54 -22.42 5.72
C LEU A 205 -9.48 -23.46 6.31
N GLU A 206 -10.22 -24.17 5.44
CA GLU A 206 -11.10 -25.28 5.81
C GLU A 206 -10.28 -26.50 5.45
N TYR A 207 -9.91 -27.31 6.46
CA TYR A 207 -8.94 -28.41 6.32
C TYR A 207 -9.39 -29.77 6.86
N LYS A 208 -9.16 -30.84 6.07
CA LYS A 208 -9.45 -32.23 6.45
C LYS A 208 -8.12 -32.89 6.82
N THR A 209 -7.88 -33.03 8.13
CA THR A 209 -6.63 -33.56 8.67
C THR A 209 -6.49 -35.08 8.52
N THR A 210 -5.28 -35.57 8.78
CA THR A 210 -4.94 -36.99 8.84
C THR A 210 -4.01 -37.15 10.05
N LYS A 211 -3.71 -38.38 10.46
CA LYS A 211 -2.81 -38.63 11.59
C LYS A 211 -1.38 -38.14 11.31
N ALA A 212 -0.99 -37.94 10.03
CA ALA A 212 0.31 -37.38 9.65
C ALA A 212 0.50 -35.94 10.17
N ASP A 213 -0.60 -35.24 10.51
CA ASP A 213 -0.57 -33.87 11.03
C ASP A 213 -0.34 -33.78 12.55
N ILE A 214 -0.09 -34.91 13.25
CA ILE A 214 0.22 -34.89 14.69
C ILE A 214 1.53 -34.11 14.84
N GLN A 215 1.55 -33.09 15.71
CA GLN A 215 2.68 -32.20 16.00
C GLN A 215 3.29 -31.53 14.72
N MET A 216 2.47 -31.26 13.69
CA MET A 216 2.92 -30.60 12.46
C MET A 216 2.55 -29.11 12.50
N PRO A 217 3.49 -28.20 12.21
CA PRO A 217 3.15 -26.77 12.26
C PRO A 217 2.48 -26.23 11.00
N PHE A 218 1.45 -25.41 11.17
CA PHE A 218 0.76 -24.72 10.07
C PHE A 218 1.10 -23.24 10.20
N THR A 219 1.44 -22.60 9.07
CA THR A 219 1.79 -21.18 9.05
C THR A 219 1.12 -20.55 7.83
N CYS A 220 1.18 -19.23 7.76
CA CYS A 220 0.70 -18.49 6.61
C CYS A 220 1.61 -17.30 6.38
N SER A 221 1.53 -16.70 5.19
CA SER A 221 2.34 -15.55 4.86
C SER A 221 1.57 -14.58 4.00
N VAL A 222 2.07 -13.35 3.89
CA VAL A 222 1.52 -12.31 3.04
C VAL A 222 2.61 -11.89 2.07
N THR A 223 2.32 -11.89 0.76
CA THR A 223 3.25 -11.46 -0.27
C THR A 223 2.68 -10.16 -0.83
N TYR A 224 3.52 -9.11 -0.91
CA TYR A 224 3.09 -7.78 -1.31
C TYR A 224 4.20 -7.04 -2.05
N TYR A 225 3.86 -5.91 -2.67
CA TYR A 225 4.82 -5.03 -3.35
C TYR A 225 5.03 -3.81 -2.46
N GLY A 226 6.28 -3.49 -2.18
CA GLY A 226 6.65 -2.32 -1.39
C GLY A 226 7.60 -1.42 -2.19
N PRO A 227 8.17 -0.38 -1.58
CA PRO A 227 9.09 0.50 -2.33
C PRO A 227 10.35 -0.19 -2.88
N SER A 228 10.79 -1.31 -2.27
CA SER A 228 11.96 -2.07 -2.69
C SER A 228 11.61 -3.37 -3.46
N GLY A 229 10.37 -3.48 -3.95
CA GLY A 229 9.91 -4.62 -4.73
C GLY A 229 9.06 -5.61 -3.95
N GLN A 230 8.97 -6.84 -4.48
CA GLN A 230 8.17 -7.91 -3.91
C GLN A 230 8.81 -8.49 -2.63
N LYS A 231 8.03 -8.57 -1.54
CA LYS A 231 8.49 -9.12 -0.26
C LYS A 231 7.43 -10.04 0.33
N THR A 232 7.84 -10.97 1.21
CA THR A 232 6.94 -11.89 1.91
C THR A 232 7.23 -11.86 3.42
N ILE A 233 6.17 -11.83 4.25
CA ILE A 233 6.28 -11.84 5.71
C ILE A 233 5.52 -13.07 6.19
N HIS A 234 6.17 -13.94 6.99
CA HIS A 234 5.57 -15.16 7.51
C HIS A 234 4.99 -15.00 8.91
N SER A 235 4.00 -15.83 9.24
CA SER A 235 3.36 -15.83 10.56
C SER A 235 4.10 -16.78 11.49
N GLU A 236 3.67 -16.81 12.77
CA GLU A 236 4.17 -17.77 13.74
C GLU A 236 3.37 -19.07 13.50
N GLN A 237 3.88 -20.19 14.00
CA GLN A 237 3.23 -21.49 13.77
C GLN A 237 2.01 -21.76 14.67
N ALA A 238 1.15 -22.67 14.20
CA ALA A 238 -0.02 -23.15 14.91
C ALA A 238 -0.04 -24.67 14.81
N VAL A 239 0.01 -25.35 15.97
CA VAL A 239 -0.01 -26.83 16.08
C VAL A 239 -1.37 -27.19 16.67
N PHE A 240 -2.01 -28.25 16.15
CA PHE A 240 -3.35 -28.67 16.57
C PHE A 240 -3.39 -30.08 17.12
N ASP A 241 -4.31 -30.35 18.05
CA ASP A 241 -4.53 -31.68 18.59
C ASP A 241 -5.36 -32.42 17.54
N ILE A 242 -4.89 -33.58 17.07
CA ILE A 242 -5.59 -34.36 16.05
C ILE A 242 -6.44 -35.44 16.72
N TYR A 243 -7.75 -35.43 16.46
CA TYR A 243 -8.71 -36.39 17.01
C TYR A 243 -9.16 -37.34 15.89
N TYR A 244 -9.37 -38.62 16.21
CA TYR A 244 -9.79 -39.63 15.24
C TYR A 244 -10.70 -40.69 15.89
N PRO A 245 -11.69 -41.26 15.17
CA PRO A 245 -12.56 -42.28 15.78
C PRO A 245 -11.93 -43.66 15.79
C1 NAG B . -0.94 -11.89 -6.34
C2 NAG B . 0.32 -11.26 -6.95
C3 NAG B . -0.02 -10.75 -8.34
C4 NAG B . -0.58 -11.87 -9.20
C5 NAG B . -1.78 -12.51 -8.52
C6 NAG B . -2.30 -13.73 -9.25
C7 NAG B . 1.99 -10.16 -5.49
C8 NAG B . 2.20 -9.07 -4.50
N2 NAG B . 0.78 -10.18 -6.10
O3 NAG B . 1.14 -10.20 -8.94
O4 NAG B . -0.96 -11.36 -10.47
O5 NAG B . -1.42 -12.94 -7.19
O6 NAG B . -3.48 -14.23 -8.64
O7 NAG B . 2.85 -11.01 -5.73
C1 NAG C . 16.97 21.61 -4.86
C2 NAG C . 16.43 21.88 -3.46
C3 NAG C . 16.73 20.65 -2.59
C4 NAG C . 16.16 19.39 -3.22
C5 NAG C . 16.67 19.23 -4.66
C6 NAG C . 16.00 18.09 -5.39
C7 NAG C . 16.47 24.29 -2.91
C8 NAG C . 17.26 25.39 -2.26
N2 NAG C . 17.05 23.06 -2.89
O3 NAG C . 16.16 20.85 -1.30
O4 NAG C . 16.54 18.26 -2.46
O5 NAG C . 16.39 20.42 -5.41
O6 NAG C . 16.43 18.01 -6.74
O7 NAG C . 15.38 24.49 -3.43
C1 EDO D . 9.36 -12.55 -2.03
O1 EDO D . 8.72 -13.78 -1.69
C2 EDO D . 10.00 -12.68 -3.43
O2 EDO D . 11.00 -13.70 -3.41
C1 EDO E . 17.74 33.28 -6.94
O1 EDO E . 16.93 33.85 -5.93
C2 EDO E . 17.42 33.94 -8.30
O2 EDO E . 18.35 33.48 -9.27
C1 EDO F . 8.33 -1.58 -6.63
O1 EDO F . 7.06 -1.76 -6.03
C2 EDO F . 8.49 -0.12 -7.08
O2 EDO F . 9.86 0.23 -7.06
C1 EDO G . -0.58 24.94 3.55
O1 EDO G . -0.78 25.39 4.87
C2 EDO G . 0.90 24.62 3.31
O2 EDO G . 1.30 23.49 4.08
C1 EDO H . 13.22 25.10 -21.27
O1 EDO H . 13.81 26.38 -21.40
C2 EDO H . 12.43 25.05 -19.95
O2 EDO H . 11.98 23.72 -19.70
C1 EDO I . 7.05 20.90 -22.10
O1 EDO I . 5.87 21.45 -21.55
C2 EDO I . 8.20 21.07 -21.09
O2 EDO I . 9.45 20.87 -21.73
C1 EDO J . 2.88 -4.93 13.88
O1 EDO J . 2.97 -3.51 13.87
C2 EDO J . 3.02 -5.45 12.44
O2 EDO J . 2.95 -6.86 12.45
C1 EDO K . -3.57 -24.01 18.89
O1 EDO K . -2.52 -23.88 17.95
C2 EDO K . -4.78 -24.69 18.21
O2 EDO K . -5.88 -24.70 19.11
C1 EDO L . 2.70 -30.73 2.51
O1 EDO L . 3.36 -30.39 3.73
C2 EDO L . 2.03 -29.48 1.91
O2 EDO L . 1.70 -29.72 0.55
C1 EDO M . -2.92 -30.42 -1.02
O1 EDO M . -2.66 -31.81 -0.96
C2 EDO M . -1.85 -29.67 -0.21
O2 EDO M . -0.61 -29.66 -0.92
C1 EDO N . -4.75 -33.54 3.77
O1 EDO N . -4.72 -33.49 5.19
C2 EDO N . -4.23 -32.19 3.21
O2 EDO N . -3.00 -31.88 3.86
C1 EDO O . 2.64 -14.81 -5.13
O1 EDO O . 2.61 -13.49 -4.64
C2 EDO O . 2.61 -15.82 -3.95
O2 EDO O . 2.70 -17.13 -4.47
C1 EDO P . 7.89 9.99 9.42
O1 EDO P . 7.23 11.19 9.04
C2 EDO P . 9.24 9.89 8.69
O2 EDO P . 9.84 8.63 8.95
C1 EDO Q . -2.63 -17.06 -3.48
O1 EDO Q . -2.72 -16.14 -2.41
C2 EDO Q . -1.16 -17.15 -3.94
O2 EDO Q . -0.58 -18.35 -3.45
C1 EDO R . 5.30 -26.61 -2.71
O1 EDO R . 4.03 -27.16 -2.37
C2 EDO R . 5.25 -26.09 -4.16
O2 EDO R . 5.20 -24.67 -4.16
C1 EDO S . 5.56 -29.39 18.63
O1 EDO S . 4.29 -29.07 19.19
C2 EDO S . 5.51 -29.21 17.10
O2 EDO S . 6.63 -29.83 16.51
#